data_5NDH
#
_entry.id   5NDH
#
_cell.length_a   48.727
_cell.length_b   57.825
_cell.length_c   100.862
_cell.angle_alpha   90.00
_cell.angle_beta   90.00
_cell.angle_gamma   90.00
#
_symmetry.space_group_name_H-M   'P 21 21 21'
#
loop_
_entity.id
_entity.type
_entity.pdbx_description
1 polymer "RNA (5'-R(*GP*(CBV)P*GP*GP*GP*GP*AP*CP*GP*AP*CP*CP*CP*CP*GP*C)-3')"
2 non-polymer GUANIDINE
3 non-polymer 'SODIUM ION'
4 non-polymer 'MAGNESIUM ION'
5 non-polymer 'SULFATE ION'
6 water water
#
_entity_poly.entity_id   1
_entity_poly.type   'polyribonucleotide'
_entity_poly.pdbx_seq_one_letter_code
;G(CBV)GGGGACGACCCCGC
;
_entity_poly.pdbx_strand_id   A,B,C,D
#